data_9EBM
#
_entry.id   9EBM
#
_cell.length_a   67.002
_cell.length_b   67.002
_cell.length_c   479.001
_cell.angle_alpha   90.000
_cell.angle_beta   90.000
_cell.angle_gamma   120.000
#
_symmetry.space_group_name_H-M   'P 61 2 2'
#
loop_
_entity.id
_entity.type
_entity.pdbx_description
1 polymer 'Piperazate synthase'
2 non-polymer 'PROTOPORPHYRIN IX CONTAINING FE'
3 non-polymer N~5~-hydroxy-L-ornithine
4 non-polymer GLYCEROL
5 water water
#
_entity_poly.entity_id   1
_entity_poly.type   'polypeptide(L)'
_entity_poly.pdbx_seq_one_letter_code
;MFVPSYYREPHGSWMAELIRGNPLAMAVINGSTDDGPFATHLPIIPDPRTTGEWPDDLTGANLLGHMNRANPQWQELETG
KVILLAFTGPHAYVSPALYGVTPAAPTWNFTSVHVRGVVEKIESLEETLDVVRATAGSFEARFGDDWDPSDSIDYFRKIV
PGVGAFRVTVTSAHGMFKLSQEQPAEVRDRVQKSFSGRGCSRHRETAELMGRVPQTESLEHHHHHH
;
_entity_poly.pdbx_strand_id   B,A
#
loop_
_chem_comp.id
_chem_comp.type
_chem_comp.name
_chem_comp.formula
GOL non-polymer GLYCEROL 'C3 H8 O3'
HEM non-polymer 'PROTOPORPHYRIN IX CONTAINING FE' 'C34 H32 Fe N4 O4'
#
# COMPACT_ATOMS: atom_id res chain seq x y z
N MET A 1 14.35 0.67 -6.31
CA MET A 1 13.86 1.29 -5.09
C MET A 1 14.95 2.12 -4.43
N PHE A 2 14.62 3.34 -4.01
CA PHE A 2 15.55 4.20 -3.31
C PHE A 2 15.49 3.90 -1.81
N VAL A 3 16.58 3.37 -1.26
CA VAL A 3 16.60 3.00 0.16
C VAL A 3 17.90 3.49 0.80
N PRO A 4 17.82 4.44 1.73
CA PRO A 4 18.99 4.77 2.55
C PRO A 4 19.56 3.51 3.17
N SER A 5 20.89 3.40 3.17
CA SER A 5 21.53 2.14 3.54
C SER A 5 21.09 1.64 4.91
N TYR A 6 20.79 2.55 5.85
CA TYR A 6 20.47 2.12 7.19
C TYR A 6 19.03 1.62 7.32
N TYR A 7 18.24 1.74 6.26
CA TYR A 7 16.87 1.22 6.25
C TYR A 7 16.72 -0.08 5.46
N ARG A 8 17.79 -0.61 4.88
CA ARG A 8 17.68 -1.88 4.17
C ARG A 8 17.40 -3.01 5.15
N GLU A 9 16.71 -4.04 4.67
CA GLU A 9 16.53 -5.23 5.48
C GLU A 9 17.89 -5.78 5.90
N PRO A 10 18.05 -6.18 7.16
CA PRO A 10 19.34 -6.77 7.58
C PRO A 10 19.58 -8.14 7.00
N HIS A 11 18.53 -8.89 6.67
CA HIS A 11 18.66 -10.19 6.02
C HIS A 11 17.56 -10.34 4.98
N GLY A 12 17.88 -11.06 3.91
CA GLY A 12 16.91 -11.25 2.84
C GLY A 12 15.60 -11.83 3.33
N SER A 13 15.66 -12.65 4.38
CA SER A 13 14.46 -13.32 4.87
C SER A 13 13.40 -12.34 5.34
N TRP A 14 13.80 -11.12 5.75
CA TRP A 14 12.82 -10.12 6.11
C TRP A 14 11.86 -9.82 4.97
N MET A 15 12.36 -9.83 3.73
CA MET A 15 11.51 -9.49 2.59
C MET A 15 10.45 -10.58 2.35
N ALA A 16 10.88 -11.84 2.34
CA ALA A 16 9.93 -12.94 2.16
C ALA A 16 8.90 -12.97 3.29
N GLU A 17 9.34 -12.66 4.50
CA GLU A 17 8.43 -12.64 5.64
C GLU A 17 7.38 -11.56 5.49
N LEU A 18 7.78 -10.35 5.08
CA LEU A 18 6.80 -9.31 4.84
C LEU A 18 5.83 -9.69 3.71
N ILE A 19 6.35 -10.23 2.62
CA ILE A 19 5.49 -10.62 1.51
C ILE A 19 4.49 -11.69 1.96
N ARG A 20 4.96 -12.70 2.68
CA ARG A 20 4.08 -13.78 3.14
C ARG A 20 2.95 -13.26 4.01
N GLY A 21 3.25 -12.29 4.89
CA GLY A 21 2.22 -11.78 5.76
C GLY A 21 1.32 -10.74 5.12
N ASN A 22 1.77 -10.13 4.03
CA ASN A 22 1.02 -9.07 3.35
C ASN A 22 1.04 -9.31 1.85
N PRO A 23 0.45 -10.42 1.39
CA PRO A 23 0.63 -10.82 -0.02
C PRO A 23 -0.30 -10.13 -1.01
N LEU A 24 -1.12 -9.18 -0.59
CA LEU A 24 -1.91 -8.39 -1.53
C LEU A 24 -1.02 -7.24 -1.98
N ALA A 25 -0.36 -7.43 -3.11
CA ALA A 25 0.58 -6.47 -3.64
C ALA A 25 -0.14 -5.39 -4.43
N MET A 26 0.53 -4.27 -4.61
CA MET A 26 0.14 -3.33 -5.68
C MET A 26 1.02 -3.64 -6.89
N ALA A 27 0.39 -4.09 -7.97
CA ALA A 27 1.08 -4.51 -9.18
C ALA A 27 1.02 -3.36 -10.17
N VAL A 28 2.19 -2.89 -10.61
CA VAL A 28 2.34 -1.62 -11.30
C VAL A 28 3.15 -1.84 -12.56
N ILE A 29 2.68 -1.27 -13.67
CA ILE A 29 3.44 -1.27 -14.90
C ILE A 29 3.33 0.12 -15.50
N ASN A 30 4.28 0.43 -16.39
CA ASN A 30 4.23 1.69 -17.14
C ASN A 30 2.94 1.78 -17.94
N GLY A 31 2.46 3.01 -18.11
CA GLY A 31 1.37 3.29 -19.03
C GLY A 31 1.77 4.39 -19.99
N SER A 32 0.81 4.98 -20.69
CA SER A 32 1.15 6.05 -21.61
C SER A 32 1.51 7.33 -20.84
N THR A 33 2.14 8.27 -21.54
CA THR A 33 2.48 9.54 -20.90
C THR A 33 1.23 10.29 -20.46
N ASP A 34 0.09 10.07 -21.13
CA ASP A 34 -1.13 10.78 -20.73
C ASP A 34 -1.81 10.12 -19.54
N ASP A 35 -1.83 8.78 -19.50
CA ASP A 35 -2.57 8.06 -18.47
C ASP A 35 -1.77 7.81 -17.20
N GLY A 36 -0.45 7.78 -17.29
CA GLY A 36 0.36 7.38 -16.16
C GLY A 36 0.40 5.87 -16.01
N PRO A 37 1.08 5.40 -14.96
CA PRO A 37 1.23 3.95 -14.79
C PRO A 37 -0.08 3.28 -14.39
N PHE A 38 -0.18 1.99 -14.70
CA PHE A 38 -1.29 1.14 -14.27
C PHE A 38 -0.99 0.54 -12.90
N ALA A 39 -2.01 0.45 -12.05
CA ALA A 39 -1.81 -0.14 -10.74
C ALA A 39 -3.06 -0.89 -10.33
N THR A 40 -2.86 -2.14 -9.87
CA THR A 40 -3.93 -3.01 -9.41
C THR A 40 -3.47 -3.75 -8.15
N HIS A 41 -4.34 -3.80 -7.14
CA HIS A 41 -4.11 -4.60 -5.95
C HIS A 41 -4.54 -6.03 -6.20
N LEU A 42 -3.63 -6.98 -6.01
CA LEU A 42 -3.92 -8.36 -6.38
C LEU A 42 -3.06 -9.29 -5.54
N PRO A 43 -3.48 -10.55 -5.37
CA PRO A 43 -2.72 -11.49 -4.54
C PRO A 43 -1.56 -12.14 -5.30
N ILE A 44 -0.41 -12.26 -4.62
CA ILE A 44 0.80 -12.89 -5.17
C ILE A 44 1.17 -14.12 -4.33
N ILE A 45 1.47 -15.23 -4.98
CA ILE A 45 2.05 -16.40 -4.32
C ILE A 45 3.32 -16.81 -5.07
N PRO A 46 4.24 -17.51 -4.39
CA PRO A 46 5.36 -18.11 -5.12
C PRO A 46 4.88 -19.28 -5.95
N ASP A 47 5.56 -19.51 -7.07
CA ASP A 47 5.22 -20.60 -7.97
C ASP A 47 5.38 -21.92 -7.21
N PRO A 48 4.31 -22.69 -7.00
CA PRO A 48 4.46 -23.99 -6.34
C PRO A 48 5.35 -24.92 -7.11
N ARG A 49 5.38 -24.80 -8.45
CA ARG A 49 6.17 -25.71 -9.27
C ARG A 49 7.64 -25.63 -8.92
N THR A 50 8.18 -24.42 -8.84
CA THR A 50 9.63 -24.22 -8.72
C THR A 50 10.00 -23.63 -7.37
N THR A 51 9.69 -22.36 -7.13
CA THR A 51 10.08 -21.73 -5.88
C THR A 51 9.38 -22.36 -4.68
N GLY A 52 8.15 -22.87 -4.88
CA GLY A 52 7.42 -23.55 -3.83
C GLY A 52 7.08 -22.69 -2.64
N GLU A 53 7.99 -22.61 -1.68
CA GLU A 53 7.87 -21.72 -0.53
C GLU A 53 8.71 -20.47 -0.77
N TRP A 54 8.68 -19.56 0.19
CA TRP A 54 9.32 -18.26 0.01
C TRP A 54 10.80 -18.34 0.36
N PRO A 55 11.71 -18.01 -0.57
CA PRO A 55 13.15 -18.06 -0.26
C PRO A 55 13.64 -16.76 0.35
N ASP A 56 14.90 -16.71 0.77
CA ASP A 56 15.45 -15.50 1.39
C ASP A 56 16.20 -14.62 0.40
N ASP A 57 16.74 -15.19 -0.67
CA ASP A 57 17.14 -14.43 -1.84
C ASP A 57 16.08 -14.66 -2.92
N LEU A 58 15.42 -13.57 -3.33
CA LEU A 58 14.30 -13.68 -4.25
C LEU A 58 14.71 -13.63 -5.72
N THR A 59 15.95 -13.31 -6.03
CA THR A 59 16.39 -13.23 -7.41
C THR A 59 16.13 -14.54 -8.14
N GLY A 60 15.51 -14.44 -9.30
CA GLY A 60 15.18 -15.60 -10.11
C GLY A 60 13.96 -16.38 -9.64
N ALA A 61 13.34 -15.99 -8.54
CA ALA A 61 12.15 -16.71 -8.10
C ALA A 61 11.02 -16.48 -9.08
N ASN A 62 10.07 -17.41 -9.10
CA ASN A 62 8.87 -17.30 -9.92
C ASN A 62 7.69 -17.04 -9.00
N LEU A 63 6.99 -15.95 -9.24
CA LEU A 63 5.79 -15.60 -8.51
C LEU A 63 4.59 -15.71 -9.45
N LEU A 64 3.40 -15.80 -8.85
CA LEU A 64 2.16 -15.92 -9.60
C LEU A 64 1.14 -14.95 -9.04
N GLY A 65 0.33 -14.40 -9.92
CA GLY A 65 -0.74 -13.52 -9.50
C GLY A 65 -1.92 -13.66 -10.44
N HIS A 66 -2.99 -12.96 -10.11
CA HIS A 66 -4.09 -12.91 -11.05
C HIS A 66 -4.83 -11.60 -10.87
N MET A 67 -5.48 -11.17 -11.94
CA MET A 67 -6.31 -9.98 -11.94
C MET A 67 -7.57 -10.30 -12.74
N ASN A 68 -8.45 -9.30 -12.81
CA ASN A 68 -9.63 -9.40 -13.66
C ASN A 68 -9.24 -9.17 -15.11
N ARG A 69 -9.67 -10.06 -16.01
CA ARG A 69 -9.37 -9.87 -17.42
C ARG A 69 -10.02 -8.62 -17.99
N ALA A 70 -11.09 -8.11 -17.38
CA ALA A 70 -11.67 -6.86 -17.84
C ALA A 70 -10.87 -5.65 -17.38
N ASN A 71 -10.00 -5.83 -16.40
CA ASN A 71 -9.10 -4.77 -15.97
C ASN A 71 -8.26 -4.31 -17.15
N PRO A 72 -8.31 -3.02 -17.53
CA PRO A 72 -7.47 -2.57 -18.64
C PRO A 72 -5.99 -2.89 -18.47
N GLN A 73 -5.50 -3.00 -17.23
CA GLN A 73 -4.09 -3.35 -17.04
C GLN A 73 -3.78 -4.71 -17.68
N TRP A 74 -4.76 -5.62 -17.72
CA TRP A 74 -4.51 -6.95 -18.28
C TRP A 74 -4.14 -6.87 -19.74
N GLN A 75 -4.86 -6.06 -20.52
CA GLN A 75 -4.55 -5.91 -21.93
C GLN A 75 -3.20 -5.26 -22.15
N GLU A 76 -2.74 -4.43 -21.21
CA GLU A 76 -1.43 -3.83 -21.35
C GLU A 76 -0.31 -4.75 -20.89
N LEU A 77 -0.59 -5.71 -20.01
CA LEU A 77 0.39 -6.74 -19.68
C LEU A 77 0.80 -7.45 -20.96
N GLU A 78 2.09 -7.57 -21.18
CA GLU A 78 2.62 -8.32 -22.28
C GLU A 78 3.72 -9.21 -21.74
N THR A 79 3.84 -10.40 -22.31
CA THR A 79 4.97 -11.24 -21.97
C THR A 79 6.27 -10.52 -22.30
N GLY A 80 7.17 -10.43 -21.34
CA GLY A 80 8.41 -9.69 -21.48
C GLY A 80 8.39 -8.31 -20.84
N LYS A 81 7.21 -7.75 -20.60
CA LYS A 81 7.10 -6.45 -19.95
C LYS A 81 7.55 -6.53 -18.49
N VAL A 82 8.12 -5.42 -18.00
CA VAL A 82 8.60 -5.31 -16.64
C VAL A 82 7.44 -4.93 -15.72
N ILE A 83 7.45 -5.47 -14.51
CA ILE A 83 6.39 -5.20 -13.53
C ILE A 83 7.02 -4.92 -12.17
N LEU A 84 6.34 -4.09 -11.39
CA LEU A 84 6.69 -3.82 -10.01
C LEU A 84 5.60 -4.38 -9.12
N LEU A 85 5.98 -5.17 -8.14
CA LEU A 85 5.06 -5.67 -7.11
C LEU A 85 5.47 -5.01 -5.81
N ALA A 86 4.62 -4.15 -5.27
CA ALA A 86 4.93 -3.44 -4.02
C ALA A 86 4.09 -4.04 -2.88
N PHE A 87 4.77 -4.57 -1.88
CA PHE A 87 4.16 -5.11 -0.66
C PHE A 87 4.46 -4.19 0.51
N THR A 88 3.47 -3.96 1.36
CA THR A 88 3.61 -3.07 2.52
C THR A 88 3.21 -3.80 3.79
N GLY A 89 3.92 -3.54 4.88
CA GLY A 89 3.57 -4.10 6.17
C GLY A 89 3.28 -3.02 7.22
N PRO A 90 3.63 -3.32 8.46
CA PRO A 90 3.32 -2.40 9.56
C PRO A 90 3.98 -1.04 9.34
N HIS A 91 3.39 -0.02 9.98
CA HIS A 91 3.84 1.36 9.87
C HIS A 91 3.17 2.18 10.96
N ALA A 92 3.79 3.31 11.30
CA ALA A 92 3.22 4.18 12.32
C ALA A 92 3.94 5.52 12.29
N TYR A 93 3.16 6.59 12.50
CA TYR A 93 3.73 7.91 12.67
C TYR A 93 4.60 7.95 13.93
N VAL A 94 5.75 8.61 13.82
CA VAL A 94 6.66 8.79 14.96
C VAL A 94 6.59 10.25 15.37
N SER A 95 6.02 10.53 16.55
CA SER A 95 6.03 11.89 17.07
C SER A 95 7.37 12.20 17.71
N PRO A 96 7.98 13.35 17.42
CA PRO A 96 9.22 13.73 18.11
C PRO A 96 9.05 13.89 19.61
N ALA A 97 7.82 14.00 20.11
CA ALA A 97 7.62 14.02 21.55
C ALA A 97 8.18 12.75 22.20
N LEU A 98 8.21 11.65 21.43
CA LEU A 98 8.78 10.41 21.92
C LEU A 98 10.30 10.48 22.07
N TYR A 99 10.94 11.41 21.38
CA TYR A 99 12.40 11.41 21.30
C TYR A 99 13.03 11.84 22.62
N GLY A 100 12.52 12.92 23.22
CA GLY A 100 13.25 13.50 24.33
C GLY A 100 14.51 14.24 23.94
N VAL A 101 14.70 14.53 22.66
CA VAL A 101 15.85 15.26 22.17
C VAL A 101 15.36 16.42 21.32
N THR A 102 16.12 17.51 21.34
CA THR A 102 15.80 18.66 20.52
C THR A 102 17.09 19.11 19.83
N PRO A 103 17.02 19.53 18.56
CA PRO A 103 15.81 19.61 17.75
C PRO A 103 15.49 18.29 17.06
N ALA A 104 14.36 18.24 16.35
CA ALA A 104 13.96 17.01 15.67
C ALA A 104 12.93 17.35 14.62
N ALA A 105 12.65 16.37 13.76
CA ALA A 105 11.55 16.46 12.83
C ALA A 105 10.77 15.15 12.94
N PRO A 106 9.46 15.17 12.70
CA PRO A 106 8.70 13.93 12.78
C PRO A 106 9.05 13.03 11.61
N THR A 107 8.58 11.81 11.67
CA THR A 107 8.75 10.90 10.56
C THR A 107 7.66 9.84 10.64
N TRP A 108 7.67 8.92 9.67
CA TRP A 108 6.73 7.82 9.61
C TRP A 108 7.55 6.56 9.45
N ASN A 109 7.52 5.68 10.45
CA ASN A 109 8.19 4.40 10.29
C ASN A 109 7.29 3.49 9.46
N PHE A 110 7.87 2.82 8.48
CA PHE A 110 7.03 1.96 7.64
C PHE A 110 7.87 0.84 7.06
N THR A 111 7.18 -0.15 6.48
CA THR A 111 7.86 -1.27 5.87
C THR A 111 7.32 -1.51 4.47
N SER A 112 8.22 -1.82 3.54
CA SER A 112 7.82 -2.03 2.15
C SER A 112 8.84 -2.92 1.47
N VAL A 113 8.36 -3.80 0.59
CA VAL A 113 9.22 -4.58 -0.27
C VAL A 113 8.78 -4.33 -1.71
N HIS A 114 9.70 -3.86 -2.53
CA HIS A 114 9.45 -3.68 -3.95
C HIS A 114 10.13 -4.81 -4.71
N VAL A 115 9.33 -5.61 -5.40
CA VAL A 115 9.81 -6.69 -6.23
C VAL A 115 9.63 -6.29 -7.69
N ARG A 116 10.68 -6.41 -8.48
CA ARG A 116 10.61 -6.18 -9.91
C ARG A 116 10.92 -7.47 -10.66
N GLY A 117 10.30 -7.62 -11.82
CA GLY A 117 10.55 -8.79 -12.64
C GLY A 117 9.89 -8.70 -13.99
N VAL A 118 9.92 -9.82 -14.70
CA VAL A 118 9.39 -9.89 -16.06
C VAL A 118 8.12 -10.72 -16.06
N VAL A 119 7.11 -10.23 -16.78
CA VAL A 119 5.78 -10.83 -16.82
C VAL A 119 5.76 -11.94 -17.86
N GLU A 120 4.98 -12.98 -17.56
CA GLU A 120 4.56 -13.96 -18.55
C GLU A 120 3.06 -14.15 -18.34
N LYS A 121 2.26 -13.78 -19.32
CA LYS A 121 0.83 -14.02 -19.25
C LYS A 121 0.54 -15.51 -19.33
N ILE A 122 -0.36 -15.99 -18.47
CA ILE A 122 -0.79 -17.39 -18.51
C ILE A 122 -2.08 -17.45 -19.31
N GLU A 123 -2.10 -18.28 -20.36
CA GLU A 123 -3.28 -18.37 -21.22
C GLU A 123 -4.08 -19.65 -21.06
N SER A 124 -3.46 -20.75 -20.64
CA SER A 124 -4.23 -21.98 -20.45
C SER A 124 -5.27 -21.81 -19.36
N LEU A 125 -6.51 -22.22 -19.67
CA LEU A 125 -7.57 -22.13 -18.68
C LEU A 125 -7.27 -23.00 -17.47
N GLU A 126 -6.69 -24.18 -17.69
CA GLU A 126 -6.41 -25.07 -16.56
C GLU A 126 -5.23 -24.56 -15.74
N GLU A 127 -4.19 -24.07 -16.41
CA GLU A 127 -3.08 -23.44 -15.69
C GLU A 127 -3.56 -22.23 -14.91
N THR A 128 -4.47 -21.45 -15.49
CA THR A 128 -5.07 -20.32 -14.78
C THR A 128 -5.83 -20.81 -13.55
N LEU A 129 -6.63 -21.86 -13.72
CA LEU A 129 -7.34 -22.45 -12.61
C LEU A 129 -6.39 -22.97 -11.55
N ASP A 130 -5.26 -23.54 -11.95
CA ASP A 130 -4.28 -24.00 -10.96
C ASP A 130 -3.75 -22.83 -10.14
N VAL A 131 -3.53 -21.68 -10.78
CA VAL A 131 -2.99 -20.54 -10.05
C VAL A 131 -3.96 -20.10 -8.97
N VAL A 132 -5.23 -19.88 -9.35
CA VAL A 132 -6.17 -19.36 -8.36
C VAL A 132 -6.44 -20.40 -7.30
N ARG A 133 -6.45 -21.67 -7.66
CA ARG A 133 -6.63 -22.72 -6.65
C ARG A 133 -5.44 -22.76 -5.70
N ALA A 134 -4.22 -22.53 -6.20
CA ALA A 134 -3.05 -22.46 -5.33
C ALA A 134 -3.12 -21.23 -4.44
N THR A 135 -3.58 -20.10 -4.97
CA THR A 135 -3.74 -18.92 -4.16
C THR A 135 -4.75 -19.15 -3.04
N ALA A 136 -5.91 -19.72 -3.40
CA ALA A 136 -6.95 -20.02 -2.41
C ALA A 136 -6.44 -20.93 -1.32
N GLY A 137 -5.83 -22.05 -1.70
CA GLY A 137 -5.39 -23.01 -0.69
C GLY A 137 -4.29 -22.45 0.18
N SER A 138 -3.37 -21.69 -0.42
CA SER A 138 -2.26 -21.12 0.35
C SER A 138 -2.77 -20.11 1.37
N PHE A 139 -3.58 -19.16 0.92
CA PHE A 139 -4.04 -18.10 1.83
C PHE A 139 -4.95 -18.68 2.91
N GLU A 140 -5.82 -19.62 2.56
CA GLU A 140 -6.74 -20.18 3.55
C GLU A 140 -5.99 -20.87 4.67
N ALA A 141 -4.92 -21.59 4.33
CA ALA A 141 -4.12 -22.23 5.37
C ALA A 141 -3.45 -21.20 6.26
N ARG A 142 -2.96 -20.11 5.67
CA ARG A 142 -2.14 -19.14 6.39
C ARG A 142 -2.99 -18.17 7.20
N PHE A 143 -4.14 -17.76 6.66
CA PHE A 143 -4.96 -16.70 7.26
C PHE A 143 -6.38 -17.14 7.58
N GLY A 144 -6.79 -18.35 7.21
CA GLY A 144 -8.19 -18.70 7.23
C GLY A 144 -8.62 -19.60 8.37
N ASP A 145 -9.49 -20.56 8.04
CA ASP A 145 -10.22 -21.32 9.06
C ASP A 145 -10.67 -22.68 8.51
N ASP A 146 -9.78 -23.39 7.82
CA ASP A 146 -10.01 -24.76 7.39
C ASP A 146 -11.22 -24.89 6.45
N TRP A 147 -11.32 -23.98 5.48
CA TRP A 147 -12.40 -24.08 4.52
C TRP A 147 -12.04 -25.07 3.43
N ASP A 148 -13.01 -25.92 3.07
CA ASP A 148 -12.79 -26.95 2.07
C ASP A 148 -13.32 -26.48 0.73
N PRO A 149 -12.46 -26.25 -0.27
CA PRO A 149 -12.94 -25.80 -1.58
C PRO A 149 -13.55 -26.90 -2.44
N SER A 150 -13.70 -28.12 -1.89
CA SER A 150 -14.15 -29.25 -2.70
C SER A 150 -15.47 -28.97 -3.38
N ASP A 151 -16.45 -28.51 -2.62
CA ASP A 151 -17.78 -28.28 -3.17
C ASP A 151 -17.85 -27.01 -4.02
N SER A 152 -16.74 -26.28 -4.18
CA SER A 152 -16.71 -25.06 -4.98
C SER A 152 -15.91 -25.19 -6.27
N ILE A 153 -15.33 -26.36 -6.57
CA ILE A 153 -14.45 -26.45 -7.72
C ILE A 153 -15.23 -26.20 -9.01
N ASP A 154 -16.47 -26.68 -9.08
CA ASP A 154 -17.31 -26.38 -10.23
C ASP A 154 -17.56 -24.88 -10.35
N TYR A 155 -17.72 -24.20 -9.20
CA TYR A 155 -17.85 -22.75 -9.22
C TYR A 155 -16.57 -22.10 -9.70
N PHE A 156 -15.40 -22.59 -9.26
CA PHE A 156 -14.14 -22.05 -9.77
C PHE A 156 -14.06 -22.20 -11.29
N ARG A 157 -14.44 -23.37 -11.80
CA ARG A 157 -14.43 -23.58 -13.25
C ARG A 157 -15.32 -22.57 -13.95
N LYS A 158 -16.48 -22.28 -13.37
CA LYS A 158 -17.46 -21.43 -14.05
C LYS A 158 -16.96 -20.00 -14.19
N ILE A 159 -16.25 -19.47 -13.19
CA ILE A 159 -15.84 -18.07 -13.22
C ILE A 159 -14.40 -17.87 -13.71
N VAL A 160 -13.61 -18.94 -13.82
CA VAL A 160 -12.19 -18.82 -14.14
C VAL A 160 -11.89 -18.17 -15.49
N PRO A 161 -12.74 -18.24 -16.53
CA PRO A 161 -12.39 -17.54 -17.77
C PRO A 161 -12.20 -16.04 -17.58
N GLY A 162 -12.76 -15.45 -16.53
CA GLY A 162 -12.53 -14.05 -16.24
C GLY A 162 -11.22 -13.76 -15.55
N VAL A 163 -10.47 -14.80 -15.17
CA VAL A 163 -9.21 -14.62 -14.47
C VAL A 163 -8.10 -14.35 -15.47
N GLY A 164 -7.37 -13.28 -15.26
CA GLY A 164 -6.13 -13.06 -15.97
C GLY A 164 -4.95 -13.41 -15.08
N ALA A 165 -4.39 -14.60 -15.24
CA ALA A 165 -3.30 -15.05 -14.39
C ALA A 165 -1.97 -14.83 -15.08
N PHE A 166 -0.91 -14.63 -14.28
CA PHE A 166 0.39 -14.33 -14.87
C PHE A 166 1.52 -14.75 -13.93
N ARG A 167 2.68 -14.95 -14.52
CA ARG A 167 3.89 -15.30 -13.81
C ARG A 167 4.84 -14.12 -13.83
N VAL A 168 5.60 -13.97 -12.75
CA VAL A 168 6.64 -12.95 -12.66
C VAL A 168 7.93 -13.64 -12.30
N THR A 169 8.95 -13.45 -13.11
CA THR A 169 10.29 -13.94 -12.82
C THR A 169 11.09 -12.77 -12.23
N VAL A 170 11.45 -12.91 -10.96
CA VAL A 170 11.97 -11.78 -10.19
C VAL A 170 13.37 -11.43 -10.67
N THR A 171 13.60 -10.15 -10.92
CA THR A 171 14.92 -9.66 -11.26
C THR A 171 15.59 -8.87 -10.15
N SER A 172 14.80 -8.30 -9.25
CA SER A 172 15.38 -7.62 -8.10
C SER A 172 14.32 -7.53 -7.01
N ALA A 173 14.79 -7.47 -5.76
CA ALA A 173 13.92 -7.32 -4.60
C ALA A 173 14.64 -6.44 -3.58
N HIS A 174 13.94 -5.41 -3.10
CA HIS A 174 14.51 -4.46 -2.15
C HIS A 174 13.51 -4.19 -1.04
N GLY A 175 14.00 -4.18 0.20
CA GLY A 175 13.19 -3.89 1.37
C GLY A 175 13.52 -2.53 1.95
N MET A 176 12.49 -1.78 2.31
CA MET A 176 12.63 -0.54 3.05
C MET A 176 12.05 -0.81 4.43
N PHE A 177 12.91 -0.88 5.44
CA PHE A 177 12.45 -1.10 6.80
C PHE A 177 12.87 0.13 7.60
N LYS A 178 12.03 1.16 7.53
CA LYS A 178 12.28 2.45 8.17
C LYS A 178 11.83 2.31 9.61
N LEU A 179 12.77 2.08 10.51
CA LEU A 179 12.43 1.68 11.86
C LEU A 179 13.28 2.44 12.87
N SER A 180 13.55 3.72 12.57
CA SER A 180 14.26 4.64 13.46
C SER A 180 15.72 4.28 13.64
N GLN A 181 16.29 3.53 12.70
CA GLN A 181 17.71 3.20 12.76
C GLN A 181 18.59 4.43 12.74
N GLU A 182 18.11 5.56 12.22
CA GLU A 182 18.89 6.80 12.22
C GLU A 182 19.01 7.43 13.61
N GLN A 183 18.30 6.92 14.62
CA GLN A 183 18.28 7.53 15.95
C GLN A 183 19.15 6.75 16.93
N PRO A 184 19.58 7.39 18.02
CA PRO A 184 20.29 6.66 19.07
C PRO A 184 19.45 5.52 19.64
N ALA A 185 20.15 4.49 20.14
CA ALA A 185 19.46 3.32 20.66
C ALA A 185 18.49 3.69 21.78
N GLU A 186 18.89 4.58 22.69
CA GLU A 186 17.96 4.99 23.74
C GLU A 186 16.71 5.61 23.13
N VAL A 187 16.85 6.44 22.10
CA VAL A 187 15.70 7.01 21.41
C VAL A 187 14.86 5.92 20.77
N ARG A 188 15.51 4.98 20.07
CA ARG A 188 14.76 3.89 19.44
C ARG A 188 13.94 3.12 20.49
N ASP A 189 14.52 2.93 21.68
CA ASP A 189 13.81 2.18 22.72
C ASP A 189 12.57 2.92 23.19
N ARG A 190 12.62 4.25 23.30
CA ARG A 190 11.44 5.00 23.71
C ARG A 190 10.34 4.92 22.66
N VAL A 191 10.70 5.07 21.37
CA VAL A 191 9.71 4.92 20.32
C VAL A 191 9.13 3.51 20.34
N GLN A 192 10.00 2.50 20.34
CA GLN A 192 9.55 1.11 20.41
C GLN A 192 8.69 0.86 21.63
N LYS A 193 9.08 1.39 22.79
CA LYS A 193 8.29 1.19 24.01
C LYS A 193 6.91 1.82 23.88
N SER A 194 6.83 3.00 23.27
CA SER A 194 5.55 3.66 23.08
C SER A 194 4.66 2.87 22.14
N PHE A 195 5.24 2.33 21.05
CA PHE A 195 4.45 1.61 20.04
C PHE A 195 3.93 0.28 20.59
N SER A 196 4.73 -0.41 21.39
CA SER A 196 4.30 -1.71 21.88
C SER A 196 3.22 -1.61 22.94
N GLY A 197 2.98 -0.42 23.50
CA GLY A 197 1.98 -0.20 24.51
C GLY A 197 0.63 0.29 24.03
N ARG A 198 0.39 0.32 22.72
CA ARG A 198 -0.88 0.79 22.18
C ARG A 198 -1.77 -0.40 21.81
N GLY A 199 -3.07 -0.19 21.88
CA GLY A 199 -4.04 -1.20 21.50
C GLY A 199 -4.20 -1.42 20.02
N CYS A 200 -3.44 -0.70 19.20
CA CYS A 200 -3.42 -0.90 17.75
C CYS A 200 -2.35 -1.94 17.42
N SER A 201 -2.78 -3.05 16.81
CA SER A 201 -1.84 -4.11 16.48
C SER A 201 -0.85 -3.69 15.40
N ARG A 202 -1.21 -2.71 14.56
CA ARG A 202 -0.24 -2.18 13.61
C ARG A 202 0.92 -1.50 14.33
N HIS A 203 0.63 -0.73 15.39
CA HIS A 203 1.69 -0.14 16.20
C HIS A 203 2.52 -1.22 16.90
N ARG A 204 1.85 -2.20 17.50
CA ARG A 204 2.54 -3.32 18.09
C ARG A 204 3.48 -3.97 17.08
N GLU A 205 2.96 -4.26 15.88
CA GLU A 205 3.75 -4.94 14.86
C GLU A 205 4.99 -4.12 14.48
N THR A 206 4.84 -2.79 14.44
CA THR A 206 6.00 -1.94 14.15
C THR A 206 7.03 -2.02 15.26
N ALA A 207 6.59 -2.02 16.52
CA ALA A 207 7.52 -2.14 17.64
C ALA A 207 8.28 -3.46 17.59
N GLU A 208 7.58 -4.56 17.26
CA GLU A 208 8.24 -5.85 17.14
C GLU A 208 9.37 -5.79 16.12
N LEU A 209 9.09 -5.21 14.96
CA LEU A 209 10.12 -5.06 13.95
C LEU A 209 11.27 -4.20 14.46
N MET A 210 10.94 -3.11 15.15
CA MET A 210 11.99 -2.22 15.67
C MET A 210 12.95 -2.95 16.59
N GLY A 211 12.43 -3.80 17.47
CA GLY A 211 13.26 -4.53 18.41
C GLY A 211 14.09 -5.63 17.78
N ARG A 212 13.90 -5.90 16.49
CA ARG A 212 14.64 -6.96 15.80
C ARG A 212 15.93 -6.47 15.17
N VAL A 213 16.05 -5.17 14.91
CA VAL A 213 17.26 -4.65 14.28
C VAL A 213 18.35 -4.58 15.34
N PRO A 214 19.61 -4.83 14.97
CA PRO A 214 20.70 -4.83 15.97
C PRO A 214 20.88 -3.49 16.66
N GLN A 215 21.51 -3.54 17.84
CA GLN A 215 21.72 -2.33 18.63
C GLN A 215 22.92 -1.53 18.12
N MET B 1 -8.13 3.71 -12.50
CA MET B 1 -8.30 2.59 -11.59
C MET B 1 -9.49 1.71 -11.96
N PHE B 2 -9.29 0.40 -11.96
CA PHE B 2 -10.36 -0.55 -12.31
C PHE B 2 -11.14 -0.90 -11.06
N VAL B 3 -12.39 -0.46 -10.99
CA VAL B 3 -13.23 -0.68 -9.81
C VAL B 3 -14.57 -1.23 -10.24
N PRO B 4 -14.95 -2.46 -9.90
CA PRO B 4 -16.34 -2.89 -10.13
C PRO B 4 -17.29 -1.96 -9.41
N SER B 5 -18.47 -1.76 -10.02
CA SER B 5 -19.37 -0.70 -9.55
C SER B 5 -19.71 -0.86 -8.06
N TYR B 6 -19.88 -2.09 -7.59
CA TYR B 6 -20.30 -2.29 -6.21
C TYR B 6 -19.17 -2.06 -5.22
N TYR B 7 -17.94 -1.85 -5.68
CA TYR B 7 -16.83 -1.52 -4.79
C TYR B 7 -16.42 -0.05 -4.85
N ARG B 8 -17.15 0.80 -5.59
CA ARG B 8 -16.79 2.21 -5.61
C ARG B 8 -17.03 2.85 -4.25
N GLU B 9 -16.40 3.99 -4.04
CA GLU B 9 -16.59 4.67 -2.76
C GLU B 9 -18.08 4.94 -2.56
N PRO B 10 -18.64 4.62 -1.39
CA PRO B 10 -20.06 4.88 -1.18
C PRO B 10 -20.40 6.36 -1.29
N HIS B 11 -19.43 7.23 -1.02
CA HIS B 11 -19.60 8.67 -1.05
C HIS B 11 -18.19 9.23 -1.23
N GLY B 12 -18.09 10.37 -1.93
CA GLY B 12 -16.77 10.92 -2.22
C GLY B 12 -15.96 11.17 -0.96
N SER B 13 -16.63 11.49 0.14
CA SER B 13 -15.90 11.80 1.36
C SER B 13 -15.14 10.60 1.90
N TRP B 14 -15.54 9.38 1.51
CA TRP B 14 -14.77 8.21 1.94
C TRP B 14 -13.35 8.24 1.40
N MET B 15 -13.16 8.82 0.21
CA MET B 15 -11.79 8.95 -0.31
C MET B 15 -10.97 9.90 0.55
N ALA B 16 -11.55 11.04 0.90
CA ALA B 16 -10.87 11.97 1.81
C ALA B 16 -10.56 11.30 3.15
N GLU B 17 -11.53 10.53 3.67
CA GLU B 17 -11.33 9.89 4.96
C GLU B 17 -10.16 8.92 4.92
N LEU B 18 -10.07 8.11 3.87
CA LEU B 18 -9.00 7.13 3.81
C LEU B 18 -7.65 7.80 3.62
N ILE B 19 -7.59 8.84 2.77
CA ILE B 19 -6.32 9.56 2.57
C ILE B 19 -5.86 10.18 3.87
N ARG B 20 -6.77 10.84 4.59
CA ARG B 20 -6.40 11.49 5.84
C ARG B 20 -5.98 10.49 6.89
N GLY B 21 -6.58 9.29 6.89
CA GLY B 21 -6.18 8.29 7.86
C GLY B 21 -4.91 7.56 7.50
N ASN B 22 -4.49 7.59 6.24
CA ASN B 22 -3.37 6.79 5.75
C ASN B 22 -2.58 7.62 4.76
N PRO B 23 -2.00 8.74 5.19
CA PRO B 23 -1.44 9.71 4.25
C PRO B 23 -0.06 9.36 3.72
N LEU B 24 0.54 8.24 4.12
CA LEU B 24 1.81 7.84 3.52
C LEU B 24 1.50 7.14 2.22
N ALA B 25 1.53 7.90 1.12
CA ALA B 25 1.13 7.35 -0.17
C ALA B 25 2.28 6.62 -0.85
N MET B 26 1.94 5.76 -1.79
CA MET B 26 2.91 5.31 -2.79
C MET B 26 2.76 6.20 -4.02
N ALA B 27 3.80 6.96 -4.32
CA ALA B 27 3.79 7.91 -5.42
C ALA B 27 4.50 7.28 -6.61
N VAL B 28 3.80 7.19 -7.73
CA VAL B 28 4.22 6.34 -8.84
C VAL B 28 4.20 7.17 -10.11
N ILE B 29 5.31 7.12 -10.88
CA ILE B 29 5.36 7.69 -12.22
C ILE B 29 5.93 6.65 -13.16
N ASN B 30 5.65 6.81 -14.45
CA ASN B 30 6.25 5.97 -15.49
C ASN B 30 7.76 6.03 -15.40
N GLY B 31 8.41 4.92 -15.77
CA GLY B 31 9.85 4.90 -15.97
C GLY B 31 10.19 4.29 -17.32
N SER B 32 11.43 3.86 -17.51
CA SER B 32 11.80 3.29 -18.81
C SER B 32 11.22 1.88 -18.96
N THR B 33 11.18 1.41 -20.21
CA THR B 33 10.70 0.05 -20.43
C THR B 33 11.62 -0.99 -19.81
N ASP B 34 12.92 -0.66 -19.64
CA ASP B 34 13.84 -1.55 -18.96
C ASP B 34 13.61 -1.55 -17.44
N ASP B 35 13.35 -0.37 -16.85
CA ASP B 35 13.33 -0.23 -15.40
C ASP B 35 11.96 -0.44 -14.79
N GLY B 36 10.88 -0.18 -15.53
CA GLY B 36 9.57 -0.16 -14.94
C GLY B 36 9.30 1.15 -14.23
N PRO B 37 8.11 1.29 -13.65
CA PRO B 37 7.72 2.55 -13.04
C PRO B 37 8.53 2.85 -11.77
N PHE B 38 8.70 4.15 -11.49
CA PHE B 38 9.27 4.60 -10.21
C PHE B 38 8.18 4.54 -9.14
N ALA B 39 8.57 4.15 -7.94
CA ALA B 39 7.63 4.18 -6.82
C ALA B 39 8.38 4.55 -5.55
N THR B 40 7.81 5.51 -4.80
CA THR B 40 8.36 6.03 -3.55
C THR B 40 7.23 6.21 -2.55
N HIS B 41 7.45 5.78 -1.32
CA HIS B 41 6.48 6.01 -0.24
C HIS B 41 6.76 7.36 0.40
N LEU B 42 5.79 8.27 0.41
CA LEU B 42 6.07 9.62 0.90
C LEU B 42 4.81 10.25 1.47
N PRO B 43 4.93 11.27 2.34
CA PRO B 43 3.73 11.84 2.97
C PRO B 43 3.04 12.86 2.08
N ILE B 44 1.70 12.78 2.03
CA ILE B 44 0.89 13.72 1.27
C ILE B 44 -0.03 14.48 2.22
N ILE B 45 -0.13 15.79 2.01
CA ILE B 45 -1.13 16.62 2.69
C ILE B 45 -1.89 17.39 1.61
N PRO B 46 -3.11 17.81 1.91
CA PRO B 46 -3.79 18.75 1.02
C PRO B 46 -3.14 20.11 1.10
N ASP B 47 -3.05 20.77 -0.04
CA ASP B 47 -2.72 22.18 -0.03
C ASP B 47 -3.69 22.91 0.89
N PRO B 48 -3.22 23.81 1.75
CA PRO B 48 -4.12 24.53 2.66
C PRO B 48 -5.25 25.25 1.95
N ARG B 49 -5.05 25.65 0.69
CA ARG B 49 -6.13 26.30 -0.06
C ARG B 49 -7.30 25.34 -0.30
N THR B 50 -7.03 24.04 -0.37
CA THR B 50 -8.04 23.12 -0.91
C THR B 50 -9.23 22.95 0.04
N THR B 51 -8.98 22.93 1.35
CA THR B 51 -10.07 22.75 2.31
C THR B 51 -11.11 23.85 2.17
N GLY B 52 -10.68 25.09 1.90
CA GLY B 52 -11.58 26.20 1.69
C GLY B 52 -12.21 26.28 0.32
N GLU B 53 -11.91 25.35 -0.57
CA GLU B 53 -12.51 25.30 -1.90
C GLU B 53 -12.62 23.84 -2.31
N TRP B 54 -13.37 23.09 -1.51
CA TRP B 54 -13.30 21.64 -1.56
C TRP B 54 -14.07 21.10 -2.76
N PRO B 55 -13.43 20.34 -3.66
CA PRO B 55 -14.17 19.71 -4.76
C PRO B 55 -14.72 18.33 -4.38
N ASP B 56 -15.99 18.09 -4.71
CA ASP B 56 -16.75 16.88 -4.33
C ASP B 56 -15.93 15.60 -4.43
N ASP B 57 -15.35 15.38 -5.60
CA ASP B 57 -14.67 14.13 -5.93
C ASP B 57 -13.16 14.28 -5.92
N LEU B 58 -12.65 15.32 -5.27
CA LEU B 58 -11.24 15.70 -5.22
C LEU B 58 -10.72 16.22 -6.57
N THR B 59 -11.54 16.26 -7.61
CA THR B 59 -11.06 16.73 -8.90
C THR B 59 -10.68 18.20 -8.83
N GLY B 60 -9.46 18.53 -9.24
CA GLY B 60 -8.95 19.87 -9.15
C GLY B 60 -8.33 20.25 -7.82
N ALA B 61 -8.44 19.37 -6.82
CA ALA B 61 -7.77 19.64 -5.54
C ALA B 61 -6.26 19.64 -5.72
N ASN B 62 -5.57 20.37 -4.85
CA ASN B 62 -4.12 20.43 -4.84
C ASN B 62 -3.58 19.69 -3.63
N LEU B 63 -2.63 18.79 -3.87
CA LEU B 63 -1.99 18.02 -2.82
C LEU B 63 -0.49 18.33 -2.82
N LEU B 64 0.16 18.10 -1.68
CA LEU B 64 1.57 18.42 -1.49
C LEU B 64 2.30 17.21 -0.95
N GLY B 65 3.54 17.02 -1.41
CA GLY B 65 4.36 15.91 -0.94
C GLY B 65 5.82 16.30 -0.96
N HIS B 66 6.67 15.41 -0.47
CA HIS B 66 8.10 15.65 -0.59
C HIS B 66 8.82 14.31 -0.58
N MET B 67 10.00 14.30 -1.17
CA MET B 67 10.85 13.12 -1.19
C MET B 67 12.30 13.58 -1.05
N ASN B 68 13.21 12.61 -0.94
CA ASN B 68 14.63 12.92 -0.92
C ASN B 68 15.07 13.38 -2.31
N ARG B 69 15.80 14.49 -2.38
CA ARG B 69 16.33 14.89 -3.68
C ARG B 69 17.35 13.90 -4.22
N ALA B 70 17.95 13.05 -3.36
CA ALA B 70 18.81 11.96 -3.81
C ALA B 70 18.03 10.78 -4.39
N ASN B 71 16.72 10.74 -4.23
CA ASN B 71 15.89 9.68 -4.82
C ASN B 71 15.88 9.88 -6.33
N PRO B 72 16.27 8.88 -7.13
CA PRO B 72 16.26 9.05 -8.59
C PRO B 72 14.89 9.44 -9.13
N GLN B 73 13.81 9.15 -8.40
CA GLN B 73 12.50 9.57 -8.88
C GLN B 73 12.38 11.09 -8.93
N TRP B 74 13.15 11.81 -8.09
CA TRP B 74 13.05 13.25 -8.09
C TRP B 74 13.52 13.84 -9.42
N GLN B 75 14.54 13.23 -10.03
CA GLN B 75 15.04 13.77 -11.29
C GLN B 75 14.08 13.52 -12.43
N GLU B 76 13.23 12.51 -12.30
CA GLU B 76 12.21 12.20 -13.30
C GLU B 76 10.93 12.97 -13.10
N LEU B 77 10.65 13.43 -11.89
CA LEU B 77 9.56 14.37 -11.70
C LEU B 77 9.82 15.59 -12.57
N GLU B 78 8.89 15.90 -13.44
CA GLU B 78 8.95 17.11 -14.22
C GLU B 78 7.59 17.77 -14.10
N THR B 79 7.57 19.09 -14.05
CA THR B 79 6.31 19.81 -14.05
C THR B 79 5.51 19.42 -15.30
N GLY B 80 4.27 18.98 -15.08
CA GLY B 80 3.41 18.53 -16.15
C GLY B 80 3.35 17.03 -16.33
N LYS B 81 4.22 16.28 -15.65
CA LYS B 81 4.17 14.82 -15.71
C LYS B 81 2.98 14.32 -14.93
N VAL B 82 2.37 13.23 -15.41
CA VAL B 82 1.26 12.66 -14.65
C VAL B 82 1.82 11.78 -13.56
N ILE B 83 1.10 11.70 -12.44
CA ILE B 83 1.55 10.93 -11.29
C ILE B 83 0.36 10.17 -10.73
N LEU B 84 0.64 9.05 -10.08
CA LEU B 84 -0.35 8.29 -9.34
C LEU B 84 0.04 8.29 -7.87
N LEU B 85 -0.92 8.60 -7.01
CA LEU B 85 -0.76 8.54 -5.56
C LEU B 85 -1.72 7.49 -5.03
N ALA B 86 -1.18 6.41 -4.50
CA ALA B 86 -1.98 5.28 -4.05
C ALA B 86 -1.97 5.26 -2.53
N PHE B 87 -3.15 5.37 -1.92
CA PHE B 87 -3.31 5.29 -0.47
C PHE B 87 -4.09 4.02 -0.15
N THR B 88 -3.68 3.33 0.90
CA THR B 88 -4.34 2.09 1.32
C THR B 88 -4.76 2.21 2.78
N GLY B 89 -5.93 1.68 3.09
CA GLY B 89 -6.44 1.66 4.44
C GLY B 89 -6.58 0.24 4.96
N PRO B 90 -7.52 0.02 5.88
CA PRO B 90 -7.67 -1.33 6.46
C PRO B 90 -8.01 -2.39 5.42
N HIS B 91 -7.65 -3.63 5.76
CA HIS B 91 -7.85 -4.77 4.88
C HIS B 91 -7.79 -6.05 5.69
N ALA B 92 -8.37 -7.13 5.16
CA ALA B 92 -8.30 -8.41 5.85
C ALA B 92 -8.69 -9.54 4.90
N TYR B 93 -8.00 -10.67 5.04
CA TYR B 93 -8.37 -11.86 4.31
C TYR B 93 -9.74 -12.35 4.76
N VAL B 94 -10.57 -12.76 3.79
CA VAL B 94 -11.91 -13.26 4.04
C VAL B 94 -11.94 -14.75 3.72
N SER B 95 -12.04 -15.58 4.76
CA SER B 95 -12.19 -17.03 4.56
C SER B 95 -13.64 -17.37 4.29
N PRO B 96 -13.93 -18.20 3.27
CA PRO B 96 -15.33 -18.58 3.02
C PRO B 96 -15.96 -19.35 4.16
N ALA B 97 -15.17 -19.81 5.13
CA ALA B 97 -15.76 -20.48 6.29
C ALA B 97 -16.71 -19.56 7.04
N LEU B 98 -16.49 -18.25 6.94
CA LEU B 98 -17.37 -17.27 7.57
C LEU B 98 -18.70 -17.16 6.85
N TYR B 99 -18.75 -17.53 5.57
CA TYR B 99 -19.95 -17.29 4.76
C TYR B 99 -21.11 -18.16 5.17
N GLY B 100 -20.83 -19.44 5.46
CA GLY B 100 -21.90 -20.40 5.63
C GLY B 100 -22.68 -20.70 4.37
N VAL B 101 -22.11 -20.43 3.19
CA VAL B 101 -22.75 -20.73 1.92
C VAL B 101 -21.78 -21.51 1.04
N THR B 102 -22.36 -22.37 0.19
CA THR B 102 -21.63 -23.15 -0.79
C THR B 102 -22.36 -22.98 -2.12
N PRO B 103 -21.65 -22.74 -3.22
CA PRO B 103 -20.19 -22.62 -3.24
C PRO B 103 -19.75 -21.21 -2.90
N ALA B 104 -18.44 -21.03 -2.82
CA ALA B 104 -17.87 -19.73 -2.52
C ALA B 104 -16.41 -19.76 -2.94
N ALA B 105 -15.76 -18.61 -2.83
CA ALA B 105 -14.37 -18.45 -3.17
C ALA B 105 -13.79 -17.48 -2.14
N PRO B 106 -12.57 -17.70 -1.67
CA PRO B 106 -11.98 -16.74 -0.74
C PRO B 106 -11.70 -15.43 -1.46
N THR B 107 -11.50 -14.38 -0.66
CA THR B 107 -11.11 -13.10 -1.22
C THR B 107 -10.38 -12.30 -0.14
N TRP B 108 -9.92 -11.13 -0.52
CA TRP B 108 -9.26 -10.21 0.40
C TRP B 108 -10.04 -8.91 0.38
N ASN B 109 -10.62 -8.54 1.52
CA ASN B 109 -11.28 -7.25 1.65
C ASN B 109 -10.22 -6.19 1.89
N PHE B 110 -10.31 -5.06 1.17
CA PHE B 110 -9.28 -4.04 1.29
C PHE B 110 -9.85 -2.72 0.80
N THR B 111 -9.12 -1.67 1.12
CA THR B 111 -9.52 -0.30 0.81
C THR B 111 -8.35 0.43 0.17
N SER B 112 -8.65 1.23 -0.84
CA SER B 112 -7.60 1.92 -1.57
C SER B 112 -8.19 3.12 -2.26
N VAL B 113 -7.41 4.20 -2.34
CA VAL B 113 -7.76 5.35 -3.17
C VAL B 113 -6.59 5.60 -4.10
N HIS B 114 -6.88 5.69 -5.40
CA HIS B 114 -5.88 6.03 -6.41
C HIS B 114 -6.17 7.43 -6.90
N VAL B 115 -5.23 8.33 -6.66
CA VAL B 115 -5.35 9.73 -7.05
C VAL B 115 -4.38 9.94 -8.20
N ARG B 116 -4.89 10.42 -9.32
CA ARG B 116 -4.08 10.79 -10.46
C ARG B 116 -4.10 12.30 -10.62
N GLY B 117 -3.00 12.83 -11.13
CA GLY B 117 -2.90 14.26 -11.26
C GLY B 117 -1.62 14.64 -11.97
N VAL B 118 -1.37 15.94 -11.99
CA VAL B 118 -0.28 16.56 -12.74
C VAL B 118 0.69 17.18 -11.74
N VAL B 119 1.98 16.87 -11.89
CA VAL B 119 3.02 17.32 -10.96
C VAL B 119 3.42 18.76 -11.27
N GLU B 120 3.70 19.51 -10.20
CA GLU B 120 4.39 20.78 -10.28
C GLU B 120 5.54 20.68 -9.28
N LYS B 121 6.77 20.71 -9.78
CA LYS B 121 7.94 20.68 -8.91
C LYS B 121 8.08 22.02 -8.18
N ILE B 122 8.26 21.96 -6.87
CA ILE B 122 8.48 23.14 -6.05
C ILE B 122 9.99 23.28 -5.83
N GLU B 123 10.56 24.44 -6.20
CA GLU B 123 11.99 24.64 -6.05
C GLU B 123 12.34 25.72 -5.03
N SER B 124 11.47 26.71 -4.85
CA SER B 124 11.71 27.78 -3.90
C SER B 124 11.99 27.24 -2.50
N LEU B 125 13.02 27.79 -1.86
CA LEU B 125 13.40 27.37 -0.52
C LEU B 125 12.27 27.60 0.49
N GLU B 126 11.63 28.77 0.43
CA GLU B 126 10.56 29.09 1.37
C GLU B 126 9.32 28.25 1.11
N GLU B 127 8.96 28.05 -0.16
CA GLU B 127 7.82 27.19 -0.45
C GLU B 127 8.08 25.75 -0.05
N THR B 128 9.33 25.28 -0.23
CA THR B 128 9.66 23.92 0.21
C THR B 128 9.54 23.79 1.73
N LEU B 129 10.03 24.80 2.45
CA LEU B 129 9.92 24.81 3.90
C LEU B 129 8.46 24.81 4.34
N ASP B 130 7.63 25.61 3.66
CA ASP B 130 6.19 25.63 3.97
C ASP B 130 5.57 24.26 3.84
N VAL B 131 6.01 23.49 2.83
CA VAL B 131 5.44 22.16 2.62
C VAL B 131 5.77 21.23 3.78
N VAL B 132 7.05 21.12 4.15
CA VAL B 132 7.38 20.17 5.21
C VAL B 132 6.87 20.66 6.55
N ARG B 133 6.85 21.98 6.77
CA ARG B 133 6.31 22.50 8.01
C ARG B 133 4.83 22.17 8.17
N ALA B 134 4.06 22.33 7.08
CA ALA B 134 2.63 22.02 7.12
C ALA B 134 2.40 20.52 7.26
N THR B 135 3.26 19.70 6.65
CA THR B 135 3.15 18.26 6.82
C THR B 135 3.39 17.86 8.27
N ALA B 136 4.50 18.34 8.83
CA ALA B 136 4.82 18.07 10.23
C ALA B 136 3.71 18.56 11.14
N GLY B 137 3.24 19.79 10.92
CA GLY B 137 2.20 20.34 11.78
C GLY B 137 0.90 19.57 11.67
N SER B 138 0.51 19.21 10.45
CA SER B 138 -0.72 18.47 10.26
C SER B 138 -0.63 17.08 10.89
N PHE B 139 0.41 16.32 10.53
CA PHE B 139 0.54 14.96 11.02
C PHE B 139 0.66 14.93 12.55
N GLU B 140 1.42 15.87 13.12
CA GLU B 140 1.55 15.88 14.57
C GLU B 140 0.21 16.17 15.23
N ALA B 141 -0.58 17.08 14.66
CA ALA B 141 -1.88 17.39 15.22
C ALA B 141 -2.82 16.19 15.09
N ARG B 142 -2.70 15.43 14.00
CA ARG B 142 -3.67 14.36 13.76
C ARG B 142 -3.25 13.06 14.43
N PHE B 143 -1.95 12.80 14.49
CA PHE B 143 -1.42 11.52 14.92
C PHE B 143 -0.47 11.59 16.10
N GLY B 144 -0.04 12.78 16.52
CA GLY B 144 1.05 12.91 17.46
C GLY B 144 0.59 13.10 18.89
N ASP B 145 1.41 13.80 19.66
CA ASP B 145 1.14 14.02 21.08
C ASP B 145 1.65 15.41 21.49
N ASP B 146 1.19 16.45 20.78
CA ASP B 146 1.41 17.85 21.15
C ASP B 146 2.90 18.20 21.20
N TRP B 147 3.63 17.84 20.14
CA TRP B 147 5.03 18.23 20.01
C TRP B 147 5.09 19.61 19.38
N ASP B 148 5.89 20.49 19.97
CA ASP B 148 6.02 21.85 19.47
C ASP B 148 7.27 21.99 18.63
N PRO B 149 7.14 22.32 17.35
CA PRO B 149 8.31 22.40 16.47
C PRO B 149 9.10 23.70 16.58
N SER B 150 8.72 24.62 17.47
CA SER B 150 9.31 25.94 17.42
C SER B 150 10.82 25.88 17.66
N ASP B 151 11.27 25.05 18.60
CA ASP B 151 12.70 24.92 18.87
C ASP B 151 13.44 24.18 17.75
N SER B 152 12.72 23.67 16.76
CA SER B 152 13.32 22.89 15.68
C SER B 152 13.23 23.58 14.32
N ILE B 153 12.71 24.81 14.25
CA ILE B 153 12.56 25.44 12.94
C ILE B 153 13.92 25.74 12.33
N ASP B 154 14.88 26.19 13.16
CA ASP B 154 16.26 26.34 12.68
C ASP B 154 16.78 25.03 12.13
N TYR B 155 16.43 23.92 12.78
CA TYR B 155 16.84 22.62 12.26
C TYR B 155 16.20 22.33 10.92
N PHE B 156 14.91 22.65 10.77
CA PHE B 156 14.23 22.46 9.49
C PHE B 156 14.98 23.21 8.39
N ARG B 157 15.36 24.47 8.67
CA ARG B 157 16.03 25.29 7.66
C ARG B 157 17.38 24.72 7.29
N LYS B 158 18.06 24.06 8.24
CA LYS B 158 19.35 23.47 7.92
C LYS B 158 19.19 22.34 6.91
N ILE B 159 18.18 21.48 7.08
CA ILE B 159 18.07 20.27 6.26
C ILE B 159 17.13 20.42 5.09
N VAL B 160 16.37 21.51 5.01
CA VAL B 160 15.40 21.67 3.93
C VAL B 160 16.05 21.70 2.53
N PRO B 161 17.35 22.04 2.36
CA PRO B 161 17.93 21.92 1.01
C PRO B 161 17.91 20.51 0.42
N GLY B 162 17.79 19.47 1.24
CA GLY B 162 17.69 18.13 0.71
C GLY B 162 16.28 17.68 0.35
N VAL B 163 15.28 18.51 0.58
CA VAL B 163 13.88 18.17 0.36
C VAL B 163 13.52 18.42 -1.09
N GLY B 164 12.90 17.43 -1.72
CA GLY B 164 12.28 17.69 -3.01
C GLY B 164 10.78 17.76 -2.82
N ALA B 165 10.23 18.96 -2.80
CA ALA B 165 8.79 19.14 -2.59
C ALA B 165 8.09 19.30 -3.93
N PHE B 166 6.80 18.94 -3.95
CA PHE B 166 6.04 19.03 -5.18
C PHE B 166 4.56 19.14 -4.85
N ARG B 167 3.84 19.68 -5.81
CA ARG B 167 2.40 19.81 -5.77
C ARG B 167 1.81 18.91 -6.84
N VAL B 168 0.65 18.33 -6.55
CA VAL B 168 -0.08 17.50 -7.49
C VAL B 168 -1.46 18.13 -7.64
N THR B 169 -1.83 18.45 -8.87
CA THR B 169 -3.16 18.93 -9.19
C THR B 169 -3.96 17.71 -9.64
N VAL B 170 -4.93 17.32 -8.82
CA VAL B 170 -5.68 16.08 -9.03
C VAL B 170 -6.50 16.17 -10.30
N THR B 171 -6.38 15.15 -11.17
CA THR B 171 -7.27 15.03 -12.31
C THR B 171 -8.35 13.96 -12.13
N SER B 172 -8.11 12.96 -11.28
CA SER B 172 -9.18 12.03 -10.94
C SER B 172 -8.81 11.33 -9.65
N ALA B 173 -9.83 10.93 -8.91
CA ALA B 173 -9.62 10.13 -7.71
C ALA B 173 -10.71 9.07 -7.66
N HIS B 174 -10.30 7.83 -7.39
CA HIS B 174 -11.22 6.71 -7.33
C HIS B 174 -10.92 5.86 -6.11
N GLY B 175 -11.97 5.45 -5.42
CA GLY B 175 -11.84 4.54 -4.30
C GLY B 175 -12.17 3.12 -4.69
N MET B 176 -11.44 2.18 -4.11
CA MET B 176 -11.79 0.76 -4.12
C MET B 176 -12.07 0.36 -2.68
N PHE B 177 -13.34 0.13 -2.39
CA PHE B 177 -13.75 -0.33 -1.06
C PHE B 177 -14.32 -1.73 -1.23
N LYS B 178 -13.42 -2.72 -1.25
CA LYS B 178 -13.80 -4.10 -1.47
C LYS B 178 -14.19 -4.67 -0.12
N LEU B 179 -15.49 -4.63 0.18
CA LEU B 179 -15.99 -4.86 1.53
C LEU B 179 -17.18 -5.82 1.53
N SER B 180 -17.10 -6.84 0.66
CA SER B 180 -18.10 -7.91 0.55
C SER B 180 -19.45 -7.42 0.07
N GLN B 181 -19.48 -6.29 -0.65
CA GLN B 181 -20.75 -5.79 -1.17
C GLN B 181 -21.42 -6.83 -2.09
N GLU B 182 -20.62 -7.68 -2.73
CA GLU B 182 -21.17 -8.72 -3.60
C GLU B 182 -21.88 -9.83 -2.83
N GLN B 183 -21.85 -9.82 -1.51
CA GLN B 183 -22.46 -10.91 -0.76
C GLN B 183 -23.81 -10.50 -0.21
N PRO B 184 -24.68 -11.48 0.08
CA PRO B 184 -25.95 -11.14 0.73
C PRO B 184 -25.71 -10.57 2.12
N ALA B 185 -26.69 -9.79 2.59
CA ALA B 185 -26.56 -9.11 3.88
C ALA B 185 -26.22 -10.10 5.00
N GLU B 186 -26.90 -11.25 5.01
CA GLU B 186 -26.62 -12.25 6.04
C GLU B 186 -25.17 -12.69 6.00
N VAL B 187 -24.59 -12.78 4.81
CA VAL B 187 -23.18 -13.15 4.68
C VAL B 187 -22.29 -12.03 5.17
N ARG B 188 -22.55 -10.79 4.73
CA ARG B 188 -21.74 -9.66 5.18
C ARG B 188 -21.73 -9.55 6.69
N ASP B 189 -22.87 -9.78 7.33
CA ASP B 189 -22.94 -9.66 8.78
C ASP B 189 -22.02 -10.67 9.47
N ARG B 190 -21.99 -11.90 8.96
CA ARG B 190 -21.12 -12.92 9.56
C ARG B 190 -19.66 -12.51 9.49
N VAL B 191 -19.24 -11.97 8.35
CA VAL B 191 -17.86 -11.53 8.20
C VAL B 191 -17.58 -10.37 9.15
N GLN B 192 -18.45 -9.36 9.15
CA GLN B 192 -18.30 -8.24 10.08
C GLN B 192 -18.18 -8.73 11.51
N LYS B 193 -19.09 -9.60 11.92
CA LYS B 193 -19.09 -10.07 13.30
C LYS B 193 -17.80 -10.82 13.62
N SER B 194 -17.33 -11.65 12.69
CA SER B 194 -16.06 -12.34 12.94
C SER B 194 -14.90 -11.37 12.98
N PHE B 195 -14.91 -10.36 12.10
CA PHE B 195 -13.79 -9.42 12.05
C PHE B 195 -13.75 -8.54 13.29
N SER B 196 -14.90 -8.07 13.75
CA SER B 196 -14.91 -7.16 14.90
C SER B 196 -14.53 -7.87 16.19
N GLY B 197 -14.65 -9.19 16.25
CA GLY B 197 -14.27 -9.92 17.45
C GLY B 197 -12.86 -10.46 17.39
N ARG B 198 -12.04 -9.95 16.48
CA ARG B 198 -10.66 -10.41 16.37
C ARG B 198 -9.71 -9.70 17.31
N GLY B 199 -10.07 -8.52 17.82
CA GLY B 199 -9.17 -7.76 18.66
C GLY B 199 -7.96 -7.19 17.95
N CYS B 200 -7.71 -7.57 16.70
CA CYS B 200 -6.74 -6.88 15.87
C CYS B 200 -7.42 -5.64 15.28
N SER B 201 -6.79 -4.48 15.45
CA SER B 201 -7.41 -3.25 15.01
C SER B 201 -7.60 -3.22 13.49
N ARG B 202 -6.72 -3.88 12.73
CA ARG B 202 -6.91 -3.90 11.28
C ARG B 202 -8.21 -4.62 10.90
N HIS B 203 -8.51 -5.73 11.57
CA HIS B 203 -9.76 -6.44 11.31
C HIS B 203 -10.97 -5.68 11.81
N ARG B 204 -10.90 -5.12 13.02
CA ARG B 204 -12.03 -4.36 13.52
C ARG B 204 -12.32 -3.16 12.63
N GLU B 205 -11.26 -2.50 12.13
CA GLU B 205 -11.43 -1.37 11.24
C GLU B 205 -12.13 -1.79 9.96
N THR B 206 -11.72 -2.92 9.38
CA THR B 206 -12.39 -3.43 8.19
C THR B 206 -13.87 -3.73 8.47
N ALA B 207 -14.15 -4.32 9.63
CA ALA B 207 -15.53 -4.63 9.97
C ALA B 207 -16.37 -3.37 10.09
N GLU B 208 -15.82 -2.32 10.71
CA GLU B 208 -16.58 -1.08 10.83
C GLU B 208 -16.91 -0.50 9.47
N LEU B 209 -15.95 -0.50 8.54
CA LEU B 209 -16.24 -0.03 7.18
C LEU B 209 -17.31 -0.90 6.53
N MET B 210 -17.15 -2.22 6.60
CA MET B 210 -18.13 -3.13 6.02
C MET B 210 -19.54 -2.77 6.45
N GLY B 211 -19.72 -2.50 7.74
CA GLY B 211 -21.05 -2.21 8.25
C GLY B 211 -21.59 -0.85 7.86
N ARG B 212 -20.76 0.04 7.32
N ARG B 212 -20.75 0.04 7.31
CA ARG B 212 -21.21 1.37 6.94
CA ARG B 212 -21.19 1.38 6.94
C ARG B 212 -21.53 1.50 5.46
C ARG B 212 -21.53 1.50 5.46
N VAL B 213 -21.39 0.43 4.68
CA VAL B 213 -21.75 0.45 3.26
C VAL B 213 -23.22 0.05 3.13
N PRO B 214 -24.06 0.89 2.53
CA PRO B 214 -25.46 0.50 2.32
C PRO B 214 -25.57 -0.68 1.37
N GLN B 215 -26.67 -1.41 1.49
CA GLN B 215 -26.93 -2.54 0.62
C GLN B 215 -26.93 -2.10 -0.85
N THR B 216 -26.21 -2.84 -1.68
CA THR B 216 -26.18 -2.59 -3.12
C THR B 216 -27.12 -3.54 -3.86
CHA HEM C . -10.35 -10.96 -9.48
CHB HEM C . -8.38 -11.70 -5.15
CHC HEM C . -8.94 -16.54 -5.44
CHD HEM C . -11.35 -15.76 -9.56
C1A HEM C . -9.73 -10.72 -8.27
C2A HEM C . -9.27 -9.44 -7.76
C3A HEM C . -8.73 -9.63 -6.55
C4A HEM C . -8.81 -11.05 -6.27
CMA HEM C . -8.11 -8.55 -5.64
CAA HEM C . -9.41 -8.09 -8.50
CBA HEM C . -8.33 -8.00 -9.59
CGA HEM C . -8.44 -6.69 -10.33
O1A HEM C . -8.74 -5.65 -9.70
O2A HEM C . -8.23 -6.70 -11.57
C1B HEM C . -8.40 -13.05 -4.89
C2B HEM C . -7.94 -13.59 -3.65
C3B HEM C . -8.06 -14.91 -3.69
C4B HEM C . -8.64 -15.29 -4.98
CMB HEM C . -7.36 -12.86 -2.42
CAB HEM C . -7.63 -15.68 -2.42
CBB HEM C . -7.26 -16.93 -2.46
C1C HEM C . -9.68 -16.78 -6.58
C2C HEM C . -10.23 -18.05 -7.01
C3C HEM C . -10.89 -17.85 -8.15
C4C HEM C . -10.81 -16.42 -8.48
CMC HEM C . -10.03 -19.36 -6.24
CAC HEM C . -11.62 -18.97 -8.93
CBC HEM C . -11.85 -18.89 -10.24
C1D HEM C . -11.32 -14.41 -9.83
C2D HEM C . -12.08 -13.77 -10.90
C3D HEM C . -11.81 -12.46 -10.88
C4D HEM C . -10.86 -12.21 -9.82
CMD HEM C . -13.04 -14.52 -11.87
CAD HEM C . -12.39 -11.38 -11.83
CBD HEM C . -13.86 -11.11 -11.54
CGD HEM C . -14.16 -11.03 -10.07
O1D HEM C . -13.48 -10.23 -9.36
O2D HEM C . -15.11 -11.72 -9.60
NA HEM C . -9.42 -11.66 -7.32
NB HEM C . -8.83 -14.12 -5.71
NC HEM C . -10.06 -15.83 -7.50
ND HEM C . -10.58 -13.41 -9.18
FE HEM C . -9.61 -13.79 -7.48
C ONH D . -16.54 -14.39 -5.48
N ONH D . -16.49 -12.55 -7.23
O ONH D . -16.62 -13.40 -4.73
CA ONH D . -16.01 -13.98 -7.03
CB ONH D . -14.49 -14.12 -7.19
CD ONH D . -12.34 -14.43 -5.84
NE ONH D . -11.41 -13.50 -6.56
CG ONH D . -13.74 -13.77 -5.90
OZ ONH D . -11.50 -12.30 -5.89
OXT ONH D . -16.77 -15.59 -5.34
CHA HEM E . 12.70 12.76 3.16
CHB HEM E . 8.60 11.60 5.57
CHC HEM E . 8.69 16.03 7.63
CHD HEM E . 13.01 16.90 5.66
C1A HEM E . 11.58 12.06 3.61
C2A HEM E . 11.17 10.73 3.22
C3A HEM E . 10.05 10.42 3.89
C4A HEM E . 9.70 11.54 4.73
CMA HEM E . 9.23 9.12 3.82
CAA HEM E . 11.92 9.82 2.20
CBA HEM E . 11.38 10.15 0.82
CGA HEM E . 12.07 9.30 -0.22
O1A HEM E . 12.11 8.04 -0.07
O2A HEM E . 12.53 9.90 -1.22
C1B HEM E . 8.29 12.69 6.35
C2B HEM E . 7.16 12.80 7.26
C3B HEM E . 7.18 14.04 7.81
C4B HEM E . 8.34 14.73 7.28
CMB HEM E . 6.15 11.65 7.47
CAB HEM E . 6.26 14.72 8.85
CBB HEM E . 5.34 14.09 9.57
C1C HEM E . 9.87 16.68 7.31
C2C HEM E . 10.33 17.97 7.81
C3C HEM E . 11.51 18.22 7.25
C4C HEM E . 11.86 17.08 6.41
CMC HEM E . 9.55 18.89 8.79
CAC HEM E . 12.37 19.49 7.47
CBC HEM E . 13.05 19.99 6.43
C1D HEM E . 13.33 15.84 4.84
C2D HEM E . 14.60 15.64 4.16
C3D HEM E . 14.51 14.49 3.48
C4D HEM E . 13.18 13.94 3.68
CMD HEM E . 15.81 16.59 4.25
CAD HEM E . 15.59 13.83 2.58
CBD HEM E . 16.85 13.39 3.32
CGD HEM E . 16.51 12.83 4.68
O1D HEM E . 17.09 13.33 5.68
O2D HEM E . 15.66 11.90 4.75
NA HEM E . 10.66 12.50 4.53
NB HEM E . 8.97 13.89 6.38
NC HEM E . 10.84 16.17 6.48
ND HEM E . 12.49 14.79 4.53
FE HEM E . 10.63 14.39 5.39
C1 GOL F . -6.56 15.12 0.68
O1 GOL F . -7.36 16.00 -0.04
C2 GOL F . -6.76 15.55 2.12
O2 GOL F . -8.09 15.44 2.47
C3 GOL F . -5.81 14.64 2.94
O3 GOL F . -5.55 15.27 4.17
C1 GOL G . 1.37 26.01 2.21
O1 GOL G . 1.75 24.74 2.64
C2 GOL G . 2.00 26.21 0.81
O2 GOL G . 1.10 25.97 -0.22
C3 GOL G . 3.19 25.23 0.77
O3 GOL G . 3.93 25.56 -0.36
C ONH H . 15.56 13.54 10.64
N ONH H . 16.27 12.52 8.48
O ONH H . 15.43 12.33 10.89
CA ONH H . 15.70 13.83 9.00
CB ONH H . 14.37 14.21 8.33
CD ONH H . 11.88 13.93 8.51
NE ONH H . 11.60 13.86 7.03
CG ONH H . 13.24 13.27 8.76
OZ ONH H . 12.08 12.67 6.62
OXT ONH H . 15.58 14.56 11.33
#